data_8Z06
#
_entry.id   8Z06
#
_cell.length_a   163.036
_cell.length_b   65.460
_cell.length_c   49.924
_cell.angle_alpha   90.00
_cell.angle_beta   89.85
_cell.angle_gamma   90.00
#
_symmetry.space_group_name_H-M   'C 1 2 1'
#
loop_
_entity.id
_entity.type
_entity.pdbx_description
1 polymer 'MHC class I antigen'
2 polymer Beta-2-microglobulin
3 polymer "Spike protein S2'"
4 water water
#
loop_
_entity_poly.entity_id
_entity_poly.type
_entity_poly.pdbx_seq_one_letter_code
_entity_poly.pdbx_strand_id
1 'polypeptide(L)'
;GSHSMRYFSTSVSRPGRGEPRFIAVGYVDDTQFVRFDSDAASQRMEPRAPWIEQEGPEYWDEETGKVKAHSQTDRENLRI
ALRYYNQSEAGSHTLQMMFGCDVGSDGRFLRGYHQYAYDGKDYIALKEDLRSWTAADMAAQITKRKWEAAHVAEQQRAYL
EGTCVDGLRRYLENGKETLQRTDPPKTHMTHHPISDHEATLRCWALGFYPAEITLTWQRDGEDQTQDTELVETRPAGDGT
FQKWAAVVVPSGEEQRYTCHVQHEGLPKPLTLRW
;
A
2 'polypeptide(L)'
;IQRTPKIQVYSRHPAENGKSNFLNCYVSGFHPSDIEVDLLKNGERIEKVEHSDLSFSKDWSFYLLYYTEFTPTEKDEYAC
RVNHVTLSQPKIVKWDRDM
;
B
3 'polypeptide(L)' NYDYWYRSF E
#
# COMPACT_ATOMS: atom_id res chain seq x y z
N GLY A 1 -7.87 -0.91 -19.11
CA GLY A 1 -7.23 -2.04 -19.76
C GLY A 1 -5.73 -2.00 -19.61
N SER A 2 -5.23 -0.84 -19.18
CA SER A 2 -3.81 -0.70 -18.89
C SER A 2 -3.43 -1.49 -17.64
N HIS A 3 -2.13 -1.62 -17.43
CA HIS A 3 -1.64 -2.29 -16.24
C HIS A 3 -0.39 -1.58 -15.80
N SER A 4 0.06 -1.92 -14.59
CA SER A 4 1.22 -1.27 -14.02
C SER A 4 2.13 -2.31 -13.39
N MET A 5 3.43 -2.00 -13.38
CA MET A 5 4.41 -2.62 -12.51
C MET A 5 5.06 -1.55 -11.66
N ARG A 6 5.21 -1.82 -10.36
CA ARG A 6 5.89 -0.89 -9.45
C ARG A 6 6.81 -1.67 -8.53
N TYR A 7 7.98 -1.09 -8.26
CA TYR A 7 8.86 -1.54 -7.19
C TYR A 7 9.00 -0.42 -6.15
N PHE A 8 8.86 -0.77 -4.87
CA PHE A 8 8.97 0.16 -3.76
C PHE A 8 10.10 -0.28 -2.84
N SER A 9 10.98 0.66 -2.46
CA SER A 9 12.04 0.33 -1.50
C SER A 9 12.10 1.35 -0.37
N THR A 10 12.47 0.89 0.82
CA THR A 10 12.61 1.72 2.02
C THR A 10 13.96 1.42 2.69
N SER A 11 14.80 2.43 2.85
CA SER A 11 16.03 2.31 3.63
C SER A 11 15.88 3.16 4.88
N VAL A 12 16.16 2.58 6.05
CA VAL A 12 16.05 3.29 7.32
C VAL A 12 17.39 3.16 8.04
N SER A 13 18.04 4.29 8.28
CA SER A 13 19.32 4.24 8.98
C SER A 13 19.07 4.01 10.47
N ARG A 14 20.03 3.33 11.10
CA ARG A 14 19.95 2.91 12.50
C ARG A 14 21.27 3.24 13.18
N PRO A 15 21.49 4.51 13.52
CA PRO A 15 22.78 4.89 14.13
C PRO A 15 23.01 4.10 15.41
N GLY A 16 24.14 3.38 15.46
CA GLY A 16 24.47 2.55 16.58
C GLY A 16 23.83 1.18 16.59
N ARG A 17 22.92 0.90 15.64
CA ARG A 17 22.33 -0.43 15.54
C ARG A 17 22.69 -1.11 14.23
N GLY A 18 23.79 -0.71 13.60
CA GLY A 18 24.26 -1.38 12.41
C GLY A 18 23.87 -0.67 11.13
N GLU A 19 24.01 -1.40 10.03
CA GLU A 19 23.78 -0.84 8.71
C GLU A 19 22.29 -0.55 8.51
N PRO A 20 21.96 0.32 7.55
CA PRO A 20 20.54 0.65 7.33
C PRO A 20 19.75 -0.54 6.84
N ARG A 21 18.52 -0.64 7.31
CA ARG A 21 17.60 -1.68 6.86
C ARG A 21 17.00 -1.33 5.51
N PHE A 22 16.87 -2.35 4.66
CA PHE A 22 16.39 -2.20 3.30
C PHE A 22 15.30 -3.22 3.06
N ILE A 23 14.13 -2.75 2.65
CA ILE A 23 12.99 -3.61 2.33
C ILE A 23 12.49 -3.17 0.97
N ALA A 24 12.40 -4.11 0.03
CA ALA A 24 11.81 -3.85 -1.28
C ALA A 24 10.66 -4.82 -1.54
N VAL A 25 9.66 -4.35 -2.30
CA VAL A 25 8.52 -5.16 -2.69
C VAL A 25 8.19 -4.84 -4.14
N GLY A 26 7.54 -5.79 -4.81
CA GLY A 26 7.13 -5.60 -6.19
C GLY A 26 5.67 -5.94 -6.41
N TYR A 27 4.99 -5.07 -7.16
CA TYR A 27 3.58 -5.25 -7.50
C TYR A 27 3.38 -5.28 -9.01
N VAL A 28 2.44 -6.10 -9.45
CA VAL A 28 1.73 -5.91 -10.72
C VAL A 28 0.30 -5.55 -10.36
N ASP A 29 -0.17 -4.41 -10.89
CA ASP A 29 -1.45 -3.81 -10.46
C ASP A 29 -1.47 -3.80 -8.93
N ASP A 30 -2.52 -4.28 -8.28
CA ASP A 30 -2.63 -4.33 -6.84
C ASP A 30 -2.25 -5.68 -6.26
N THR A 31 -1.47 -6.46 -6.99
CA THR A 31 -1.06 -7.81 -6.58
C THR A 31 0.45 -7.85 -6.35
N GLN A 32 0.86 -8.09 -5.10
CA GLN A 32 2.29 -8.22 -4.79
C GLN A 32 2.85 -9.53 -5.36
N PHE A 33 4.15 -9.51 -5.73
CA PHE A 33 4.74 -10.77 -6.21
C PHE A 33 6.17 -11.06 -5.77
N VAL A 34 6.96 -10.08 -5.29
CA VAL A 34 8.28 -10.37 -4.71
C VAL A 34 8.53 -9.46 -3.52
N ARG A 35 9.59 -9.77 -2.79
CA ARG A 35 10.03 -8.98 -1.66
C ARG A 35 11.50 -9.25 -1.41
N PHE A 36 12.17 -8.32 -0.77
CA PHE A 36 13.50 -8.55 -0.23
C PHE A 36 13.62 -7.76 1.06
N ASP A 37 14.22 -8.39 2.08
CA ASP A 37 14.39 -7.79 3.40
C ASP A 37 15.84 -8.00 3.83
N SER A 38 16.59 -6.90 3.98
CA SER A 38 18.01 -7.01 4.26
C SER A 38 18.28 -7.72 5.59
N ASP A 39 17.35 -7.67 6.55
CA ASP A 39 17.52 -8.38 7.81
C ASP A 39 17.06 -9.82 7.77
N ALA A 40 16.44 -10.27 6.69
CA ALA A 40 16.06 -11.68 6.60
C ALA A 40 17.30 -12.54 6.46
N ALA A 41 17.17 -13.81 6.85
CA ALA A 41 18.33 -14.70 6.83
C ALA A 41 18.67 -15.12 5.40
N SER A 42 17.65 -15.39 4.58
CA SER A 42 17.87 -15.93 3.24
C SER A 42 18.75 -15.03 2.38
N GLN A 43 18.65 -13.71 2.57
CA GLN A 43 19.31 -12.72 1.71
C GLN A 43 18.92 -12.88 0.24
N ARG A 44 17.69 -13.32 -0.01
CA ARG A 44 17.23 -13.57 -1.37
C ARG A 44 15.96 -12.78 -1.67
N MET A 45 15.82 -12.37 -2.92
CA MET A 45 14.49 -12.03 -3.41
C MET A 45 13.61 -13.27 -3.29
N GLU A 46 12.44 -13.11 -2.68
CA GLU A 46 11.57 -14.26 -2.46
C GLU A 46 10.22 -14.09 -3.16
N PRO A 47 9.61 -15.19 -3.59
CA PRO A 47 8.32 -15.09 -4.29
C PRO A 47 7.18 -14.73 -3.35
N ARG A 48 6.21 -14.00 -3.89
CA ARG A 48 5.01 -13.67 -3.13
C ARG A 48 3.72 -13.85 -3.93
N ALA A 49 3.79 -14.38 -5.15
CA ALA A 49 2.59 -14.73 -5.89
C ALA A 49 2.85 -16.07 -6.53
N PRO A 50 1.81 -16.89 -6.73
CA PRO A 50 2.04 -18.22 -7.31
C PRO A 50 2.64 -18.16 -8.71
N TRP A 51 2.19 -17.23 -9.57
CA TRP A 51 2.62 -17.22 -10.95
C TRP A 51 4.08 -16.85 -11.11
N ILE A 52 4.72 -16.30 -10.08
CA ILE A 52 6.13 -16.00 -10.17
C ILE A 52 6.99 -17.20 -9.77
N GLU A 53 6.45 -18.13 -8.98
CA GLU A 53 7.22 -19.31 -8.60
C GLU A 53 7.71 -20.10 -9.80
N GLN A 54 7.07 -19.95 -10.97
CA GLN A 54 7.47 -20.68 -12.15
C GLN A 54 8.69 -20.07 -12.85
N GLU A 55 9.26 -18.99 -12.33
CA GLU A 55 10.53 -18.50 -12.84
C GLU A 55 11.67 -19.38 -12.34
N GLY A 56 12.63 -19.65 -13.24
CA GLY A 56 13.73 -20.52 -12.94
C GLY A 56 14.82 -19.84 -12.15
N PRO A 57 15.86 -20.60 -11.82
CA PRO A 57 16.85 -20.13 -10.84
C PRO A 57 17.71 -18.97 -11.33
N GLU A 58 17.90 -18.81 -12.65
CA GLU A 58 18.63 -17.66 -13.13
C GLU A 58 17.86 -16.37 -12.84
N TYR A 59 16.54 -16.44 -12.86
CA TYR A 59 15.73 -15.29 -12.50
C TYR A 59 15.99 -14.87 -11.06
N TRP A 60 15.90 -15.82 -10.11
CA TRP A 60 16.03 -15.45 -8.71
C TRP A 60 17.42 -14.98 -8.35
N ASP A 61 18.46 -15.55 -8.98
CA ASP A 61 19.83 -15.09 -8.77
C ASP A 61 20.01 -13.67 -9.31
N GLU A 62 19.58 -13.42 -10.55
CA GLU A 62 19.69 -12.08 -11.11
C GLU A 62 18.92 -11.06 -10.28
N GLU A 63 17.64 -11.32 -10.03
CA GLU A 63 16.83 -10.39 -9.25
C GLU A 63 17.40 -10.17 -7.85
N THR A 64 17.93 -11.23 -7.24
CA THR A 64 18.60 -11.03 -5.95
C THR A 64 19.78 -10.09 -6.09
N GLY A 65 20.56 -10.25 -7.16
CA GLY A 65 21.74 -9.40 -7.33
C GLY A 65 21.37 -7.94 -7.53
N LYS A 66 20.31 -7.68 -8.30
CA LYS A 66 19.88 -6.31 -8.56
C LYS A 66 19.39 -5.63 -7.29
N VAL A 67 18.54 -6.30 -6.49
CA VAL A 67 18.02 -5.66 -5.29
C VAL A 67 19.13 -5.45 -4.25
N LYS A 68 20.09 -6.38 -4.18
CA LYS A 68 21.18 -6.18 -3.23
C LYS A 68 22.01 -4.96 -3.64
N ALA A 69 22.27 -4.79 -4.94
CA ALA A 69 23.01 -3.62 -5.39
C ALA A 69 22.26 -2.33 -5.04
N HIS A 70 20.92 -2.33 -5.21
CA HIS A 70 20.11 -1.17 -4.82
C HIS A 70 20.28 -0.85 -3.35
N SER A 71 20.29 -1.87 -2.50
CA SER A 71 20.43 -1.62 -1.07
C SER A 71 21.76 -0.93 -0.76
N GLN A 72 22.83 -1.30 -1.48
CA GLN A 72 24.11 -0.61 -1.28
C GLN A 72 24.07 0.81 -1.83
N THR A 73 23.49 1.01 -3.01
CA THR A 73 23.39 2.35 -3.57
C THR A 73 22.67 3.30 -2.61
N ASP A 74 21.58 2.86 -1.96
CA ASP A 74 20.82 3.75 -1.09
C ASP A 74 21.41 3.84 0.32
N ARG A 75 22.11 2.80 0.79
CA ARG A 75 23.10 2.97 1.85
C ARG A 75 23.93 4.23 1.61
N GLU A 76 24.57 4.30 0.44
CA GLU A 76 25.41 5.44 0.13
C GLU A 76 24.60 6.73 0.04
N ASN A 77 23.43 6.67 -0.61
CA ASN A 77 22.66 7.90 -0.80
C ASN A 77 22.13 8.44 0.52
N LEU A 78 21.87 7.56 1.49
CA LEU A 78 21.52 8.03 2.83
C LEU A 78 22.66 8.84 3.42
N ARG A 79 23.90 8.39 3.25
CA ARG A 79 25.04 9.13 3.78
C ARG A 79 25.18 10.49 3.11
N ILE A 80 25.12 10.52 1.77
CA ILE A 80 25.26 11.78 1.05
C ILE A 80 24.17 12.77 1.44
N ALA A 81 22.91 12.30 1.54
CA ALA A 81 21.84 13.20 1.94
C ALA A 81 22.12 13.82 3.31
N LEU A 82 22.60 13.01 4.26
CA LEU A 82 23.00 13.56 5.54
C LEU A 82 23.96 14.72 5.36
N ARG A 83 24.92 14.58 4.44
CA ARG A 83 25.85 15.66 4.14
C ARG A 83 25.12 16.88 3.59
N TYR A 84 24.32 16.68 2.52
CA TYR A 84 23.63 17.80 1.87
C TYR A 84 22.74 18.57 2.83
N TYR A 85 22.11 17.88 3.75
CA TYR A 85 21.21 18.53 4.69
C TYR A 85 21.90 18.97 5.97
N ASN A 86 23.22 18.76 6.07
CA ASN A 86 24.00 19.07 7.26
C ASN A 86 23.31 18.54 8.52
N GLN A 87 23.11 17.22 8.54
CA GLN A 87 22.46 16.54 9.66
C GLN A 87 23.44 15.64 10.39
N SER A 88 23.21 15.49 11.70
CA SER A 88 24.16 14.71 12.48
C SER A 88 23.97 13.22 12.22
N GLU A 89 25.05 12.48 12.37
CA GLU A 89 25.04 11.05 12.11
C GLU A 89 24.35 10.27 13.22
N ALA A 90 23.89 10.95 14.25
CA ALA A 90 23.22 10.25 15.34
C ALA A 90 21.75 10.00 15.06
N GLY A 91 21.14 10.75 14.15
CA GLY A 91 19.73 10.58 13.87
C GLY A 91 19.46 9.54 12.79
N SER A 92 18.27 8.95 12.87
CA SER A 92 17.80 7.99 11.89
C SER A 92 17.06 8.69 10.76
N HIS A 93 17.14 8.13 9.56
CA HIS A 93 16.50 8.77 8.41
C HIS A 93 16.07 7.69 7.42
N THR A 94 15.11 8.07 6.57
CA THR A 94 14.47 7.19 5.61
C THR A 94 14.72 7.68 4.19
N LEU A 95 15.01 6.75 3.29
CA LEU A 95 15.08 7.02 1.85
C LEU A 95 14.19 6.02 1.11
N GLN A 96 13.16 6.53 0.46
CA GLN A 96 12.23 5.67 -0.26
C GLN A 96 12.40 5.91 -1.76
N MET A 97 12.33 4.82 -2.52
CA MET A 97 12.43 4.87 -3.97
C MET A 97 11.26 4.11 -4.60
N MET A 98 10.78 4.63 -5.72
CA MET A 98 9.73 3.96 -6.48
C MET A 98 10.12 4.01 -7.97
N PHE A 99 9.93 2.89 -8.67
CA PHE A 99 10.17 2.86 -10.12
C PHE A 99 9.28 1.78 -10.73
N GLY A 100 9.01 1.93 -12.03
CA GLY A 100 8.23 0.93 -12.76
C GLY A 100 7.68 1.54 -14.04
N CYS A 101 6.60 0.93 -14.55
CA CYS A 101 6.02 1.36 -15.82
C CYS A 101 4.56 0.98 -15.91
N ASP A 102 3.84 1.69 -16.78
CA ASP A 102 2.52 1.30 -17.23
C ASP A 102 2.57 0.86 -18.69
N VAL A 103 1.74 -0.11 -19.05
CA VAL A 103 1.49 -0.49 -20.44
C VAL A 103 0.02 -0.27 -20.73
N GLY A 104 -0.29 -0.01 -22.00
CA GLY A 104 -1.68 0.10 -22.40
C GLY A 104 -2.33 -1.26 -22.57
N SER A 105 -3.66 -1.25 -22.63
CA SER A 105 -4.39 -2.46 -23.03
C SER A 105 -3.82 -2.98 -24.34
N ASP A 106 -3.33 -2.07 -25.17
CA ASP A 106 -2.45 -2.30 -26.31
C ASP A 106 -1.36 -3.33 -26.06
N GLY A 107 -0.81 -3.36 -24.84
CA GLY A 107 0.43 -4.05 -24.55
C GLY A 107 1.66 -3.18 -24.62
N ARG A 108 1.54 -1.94 -25.09
CA ARG A 108 2.65 -1.07 -25.39
C ARG A 108 2.89 -0.05 -24.29
N PHE A 109 4.12 0.47 -24.24
CA PHE A 109 4.56 1.36 -23.18
C PHE A 109 3.70 2.62 -23.12
N LEU A 110 3.27 2.98 -21.91
CA LEU A 110 2.53 4.21 -21.63
C LEU A 110 3.31 5.20 -20.80
N ARG A 111 3.99 4.76 -19.75
CA ARG A 111 4.54 5.65 -18.74
C ARG A 111 5.69 4.91 -18.04
N GLY A 112 6.71 5.66 -17.65
CA GLY A 112 7.75 5.14 -16.78
C GLY A 112 7.95 6.06 -15.59
N TYR A 113 8.44 5.48 -14.50
CA TYR A 113 8.56 6.20 -13.23
C TYR A 113 9.88 5.91 -12.54
N HIS A 114 10.38 6.90 -11.80
CA HIS A 114 11.63 6.78 -11.05
C HIS A 114 11.72 7.95 -10.08
N GLN A 115 11.52 7.71 -8.79
CA GLN A 115 11.29 8.77 -7.82
C GLN A 115 11.87 8.42 -6.47
N TYR A 116 12.32 9.46 -5.75
CA TYR A 116 12.84 9.32 -4.39
C TYR A 116 12.12 10.26 -3.43
N ALA A 117 12.04 9.82 -2.18
CA ALA A 117 11.68 10.69 -1.09
C ALA A 117 12.68 10.49 0.04
N TYR A 118 12.93 11.59 0.76
CA TYR A 118 13.80 11.60 1.94
C TYR A 118 12.97 12.05 3.15
N ASP A 119 12.99 11.24 4.21
CA ASP A 119 12.15 11.47 5.38
C ASP A 119 10.70 11.74 5.01
N GLY A 120 10.17 10.96 4.07
CA GLY A 120 8.76 11.05 3.72
C GLY A 120 8.38 12.14 2.75
N LYS A 121 9.33 12.95 2.27
CA LYS A 121 9.04 14.06 1.37
C LYS A 121 9.82 13.91 0.06
N ASP A 122 9.16 14.31 -1.06
CA ASP A 122 9.79 14.34 -2.38
C ASP A 122 11.23 14.81 -2.31
N TYR A 123 12.09 14.12 -3.07
CA TYR A 123 13.49 14.53 -3.22
C TYR A 123 13.72 14.91 -4.68
N ILE A 124 13.85 13.90 -5.54
CA ILE A 124 13.99 14.10 -6.99
C ILE A 124 13.12 13.07 -7.70
N ALA A 125 12.59 13.46 -8.86
CA ALA A 125 11.78 12.54 -9.66
C ALA A 125 12.05 12.74 -11.14
N LEU A 126 11.99 11.64 -11.91
CA LEU A 126 12.11 11.68 -13.36
C LEU A 126 10.78 12.12 -13.94
N LYS A 127 10.79 13.18 -14.74
CA LYS A 127 9.56 13.67 -15.33
C LYS A 127 9.11 12.73 -16.45
N GLU A 128 7.84 12.88 -16.83
CA GLU A 128 7.20 11.97 -17.76
C GLU A 128 7.93 11.90 -19.10
N ASP A 129 8.60 12.97 -19.51
CA ASP A 129 9.32 12.90 -20.77
C ASP A 129 10.57 12.03 -20.68
N LEU A 130 10.96 11.60 -19.49
CA LEU A 130 12.17 10.78 -19.28
C LEU A 130 13.42 11.47 -19.76
N ARG A 131 13.40 12.79 -19.92
CA ARG A 131 14.60 13.54 -20.27
C ARG A 131 15.07 14.48 -19.16
N SER A 132 14.20 14.83 -18.23
CA SER A 132 14.44 15.85 -17.23
C SER A 132 14.02 15.36 -15.84
N TRP A 133 14.45 16.10 -14.83
CA TRP A 133 14.15 15.78 -13.44
C TRP A 133 13.40 16.93 -12.79
N THR A 134 12.62 16.62 -11.76
CA THR A 134 12.07 17.62 -10.86
C THR A 134 12.65 17.37 -9.48
N ALA A 135 13.31 18.39 -8.94
CA ALA A 135 13.93 18.34 -7.62
C ALA A 135 13.09 19.18 -6.66
N ALA A 136 12.98 18.73 -5.40
CA ALA A 136 12.09 19.37 -4.44
C ALA A 136 12.72 20.53 -3.66
N ASP A 137 14.05 20.60 -3.56
CA ASP A 137 14.71 21.63 -2.76
C ASP A 137 16.13 21.83 -3.27
N MET A 138 16.89 22.69 -2.58
CA MET A 138 18.27 22.96 -2.96
C MET A 138 19.13 21.71 -2.86
N ALA A 139 18.91 20.88 -1.84
CA ALA A 139 19.70 19.66 -1.71
C ALA A 139 19.51 18.75 -2.91
N ALA A 140 18.25 18.50 -3.29
CA ALA A 140 18.00 17.66 -4.46
C ALA A 140 18.49 18.29 -5.75
N GLN A 141 18.65 19.63 -5.78
CA GLN A 141 19.13 20.27 -7.00
C GLN A 141 20.60 19.97 -7.24
N ILE A 142 21.39 19.78 -6.19
CA ILE A 142 22.75 19.30 -6.38
C ILE A 142 22.75 17.97 -7.14
N THR A 143 21.94 17.01 -6.66
CA THR A 143 21.77 15.74 -7.36
C THR A 143 21.26 15.95 -8.78
N LYS A 144 20.33 16.89 -8.95
CA LYS A 144 19.72 17.13 -10.26
C LYS A 144 20.78 17.53 -11.29
N ARG A 145 21.61 18.52 -10.95
CA ARG A 145 22.70 18.94 -11.84
C ARG A 145 23.67 17.79 -12.10
N LYS A 146 24.00 17.03 -11.06
CA LYS A 146 24.89 15.88 -11.23
C LYS A 146 24.31 14.90 -12.24
N TRP A 147 23.00 14.66 -12.19
CA TRP A 147 22.39 13.64 -13.04
C TRP A 147 22.17 14.12 -14.48
N GLU A 148 21.98 15.43 -14.67
CA GLU A 148 21.90 15.99 -16.01
C GLU A 148 23.26 15.91 -16.71
N ALA A 149 24.33 16.30 -16.01
CA ALA A 149 25.65 16.28 -16.62
C ALA A 149 26.05 14.88 -17.06
N ALA A 150 25.55 13.85 -16.36
CA ALA A 150 25.87 12.46 -16.64
C ALA A 150 24.81 11.74 -17.46
N HIS A 151 23.76 12.45 -17.88
CA HIS A 151 22.72 11.86 -18.74
C HIS A 151 22.13 10.58 -18.14
N VAL A 152 21.89 10.62 -16.82
CA VAL A 152 21.25 9.48 -16.14
C VAL A 152 19.87 9.21 -16.74
N ALA A 153 19.12 10.27 -17.07
CA ALA A 153 17.75 10.08 -17.55
C ALA A 153 17.73 9.23 -18.82
N GLU A 154 18.57 9.61 -19.79
CA GLU A 154 18.69 8.83 -21.04
C GLU A 154 19.04 7.37 -20.75
N GLN A 155 19.95 7.14 -19.81
CA GLN A 155 20.43 5.79 -19.53
C GLN A 155 19.42 4.94 -18.79
N GLN A 156 18.32 5.52 -18.32
CA GLN A 156 17.27 4.76 -17.66
C GLN A 156 16.18 4.30 -18.62
N ARG A 157 16.19 4.80 -19.86
CA ARG A 157 15.11 4.54 -20.79
C ARG A 157 15.14 3.12 -21.35
N ALA A 158 16.31 2.51 -21.43
CA ALA A 158 16.36 1.11 -21.83
C ALA A 158 15.54 0.27 -20.87
N TYR A 159 15.72 0.48 -19.56
CA TYR A 159 14.97 -0.32 -18.59
C TYR A 159 13.49 0.00 -18.63
N LEU A 160 13.16 1.30 -18.62
CA LEU A 160 11.77 1.73 -18.41
C LEU A 160 10.89 1.34 -19.58
N GLU A 161 11.41 1.47 -20.81
CA GLU A 161 10.66 1.15 -22.01
C GLU A 161 10.98 -0.22 -22.58
N GLY A 162 11.97 -0.93 -22.03
CA GLY A 162 12.25 -2.27 -22.50
C GLY A 162 12.05 -3.32 -21.43
N THR A 163 13.07 -3.53 -20.58
CA THR A 163 12.97 -4.53 -19.52
C THR A 163 11.66 -4.41 -18.75
N CYS A 164 11.34 -3.22 -18.25
CA CYS A 164 10.15 -3.04 -17.44
C CYS A 164 8.91 -3.52 -18.19
N VAL A 165 8.73 -3.02 -19.41
CA VAL A 165 7.59 -3.41 -20.23
C VAL A 165 7.62 -4.90 -20.53
N ASP A 166 8.79 -5.44 -20.88
CA ASP A 166 8.87 -6.85 -21.25
C ASP A 166 8.47 -7.74 -20.09
N GLY A 167 8.94 -7.42 -18.87
CA GLY A 167 8.61 -8.25 -17.72
C GLY A 167 7.14 -8.17 -17.34
N LEU A 168 6.59 -6.95 -17.30
CA LEU A 168 5.18 -6.75 -17.00
C LEU A 168 4.30 -7.56 -17.95
N ARG A 169 4.58 -7.49 -19.25
CA ARG A 169 3.82 -8.28 -20.22
C ARG A 169 3.91 -9.77 -19.93
N ARG A 170 5.13 -10.27 -19.69
CA ARG A 170 5.28 -11.70 -19.42
C ARG A 170 4.49 -12.08 -18.16
N TYR A 171 4.62 -11.28 -17.09
CA TYR A 171 3.84 -11.55 -15.87
C TYR A 171 2.35 -11.59 -16.14
N LEU A 172 1.83 -10.64 -16.93
CA LEU A 172 0.41 -10.63 -17.22
C LEU A 172 -0.04 -11.88 -17.97
N GLU A 173 0.88 -12.53 -18.69
CA GLU A 173 0.51 -13.76 -19.39
C GLU A 173 0.67 -14.99 -18.48
N ASN A 174 1.80 -15.11 -17.78
CA ASN A 174 1.96 -16.20 -16.83
C ASN A 174 0.91 -16.17 -15.74
N GLY A 175 0.28 -15.03 -15.49
CA GLY A 175 -0.73 -14.97 -14.46
C GLY A 175 -2.07 -14.44 -14.93
N LYS A 176 -2.51 -14.79 -16.15
CA LYS A 176 -3.78 -14.23 -16.65
C LYS A 176 -4.90 -14.50 -15.67
N GLU A 177 -4.95 -15.72 -15.13
CA GLU A 177 -6.05 -16.11 -14.26
C GLU A 177 -6.21 -15.17 -13.08
N THR A 178 -5.10 -14.75 -12.48
CA THR A 178 -5.10 -13.83 -11.35
C THR A 178 -5.23 -12.38 -11.82
N LEU A 179 -4.28 -11.95 -12.66
CA LEU A 179 -4.05 -10.53 -12.92
C LEU A 179 -4.96 -9.93 -13.98
N GLN A 180 -5.54 -10.73 -14.85
CA GLN A 180 -6.44 -10.22 -15.87
C GLN A 180 -7.90 -10.46 -15.52
N ARG A 181 -8.16 -11.04 -14.35
CA ARG A 181 -9.51 -11.25 -13.85
C ARG A 181 -9.99 -10.00 -13.11
N THR A 182 -11.29 -9.75 -13.19
CA THR A 182 -11.92 -8.72 -12.38
C THR A 182 -12.87 -9.39 -11.39
N ASP A 183 -12.84 -8.93 -10.15
CA ASP A 183 -13.74 -9.42 -9.12
C ASP A 183 -14.72 -8.32 -8.76
N PRO A 184 -16.01 -8.45 -9.08
CA PRO A 184 -16.95 -7.36 -8.80
C PRO A 184 -17.24 -7.26 -7.32
N PRO A 185 -17.54 -6.06 -6.81
CA PRO A 185 -17.83 -5.91 -5.37
C PRO A 185 -19.16 -6.55 -5.01
N LYS A 186 -19.14 -7.40 -3.98
CA LYS A 186 -20.36 -7.82 -3.32
C LYS A 186 -20.78 -6.72 -2.36
N THR A 187 -22.01 -6.23 -2.49
CA THR A 187 -22.47 -5.07 -1.75
C THR A 187 -23.64 -5.40 -0.83
N HIS A 188 -23.68 -4.71 0.31
CA HIS A 188 -24.81 -4.77 1.22
C HIS A 188 -24.87 -3.48 2.01
N MET A 189 -25.91 -3.33 2.81
CA MET A 189 -25.94 -2.13 3.61
C MET A 189 -26.51 -2.41 4.99
N THR A 190 -26.02 -1.65 5.96
CA THR A 190 -26.35 -1.84 7.37
C THR A 190 -26.96 -0.55 7.92
N HIS A 191 -27.60 -0.67 9.08
CA HIS A 191 -28.46 0.39 9.60
C HIS A 191 -28.46 0.34 11.12
N HIS A 192 -28.08 1.43 11.77
CA HIS A 192 -27.99 1.44 13.22
C HIS A 192 -28.61 2.71 13.78
N PRO A 193 -29.74 2.61 14.47
CA PRO A 193 -30.23 3.77 15.24
C PRO A 193 -29.20 4.19 16.29
N ILE A 194 -28.91 5.49 16.33
CA ILE A 194 -28.00 6.04 17.33
C ILE A 194 -28.70 7.00 18.27
N SER A 195 -29.98 7.31 18.03
CA SER A 195 -30.84 8.12 18.86
C SER A 195 -32.27 7.75 18.49
N ASP A 196 -33.23 8.38 19.14
CA ASP A 196 -34.55 8.33 18.53
C ASP A 196 -34.72 9.40 17.46
N HIS A 197 -33.67 10.18 17.21
CA HIS A 197 -33.64 11.18 16.16
C HIS A 197 -32.80 10.77 14.95
N GLU A 198 -31.79 9.93 15.12
CA GLU A 198 -30.81 9.73 14.06
C GLU A 198 -30.37 8.27 14.00
N ALA A 199 -29.96 7.88 12.80
CA ALA A 199 -29.47 6.54 12.52
C ALA A 199 -28.33 6.66 11.53
N THR A 200 -27.42 5.68 11.56
CA THR A 200 -26.37 5.59 10.56
C THR A 200 -26.74 4.51 9.54
N LEU A 201 -26.52 4.83 8.26
CA LEU A 201 -26.55 3.86 7.18
C LEU A 201 -25.13 3.62 6.70
N ARG A 202 -24.74 2.37 6.50
CA ARG A 202 -23.38 2.07 6.05
C ARG A 202 -23.44 1.20 4.80
N CYS A 203 -22.81 1.67 3.73
CA CYS A 203 -22.79 1.02 2.44
C CYS A 203 -21.48 0.26 2.28
N TRP A 204 -21.56 -1.05 2.03
CA TRP A 204 -20.40 -1.94 1.97
C TRP A 204 -20.10 -2.42 0.57
N ALA A 205 -18.82 -2.45 0.23
CA ALA A 205 -18.33 -3.18 -0.94
C ALA A 205 -17.27 -4.17 -0.47
N LEU A 206 -17.42 -5.44 -0.84
CA LEU A 206 -16.57 -6.50 -0.34
C LEU A 206 -16.11 -7.38 -1.49
N GLY A 207 -14.92 -7.96 -1.34
CA GLY A 207 -14.43 -9.00 -2.24
C GLY A 207 -14.08 -8.57 -3.65
N PHE A 208 -13.66 -7.32 -3.85
CA PHE A 208 -13.49 -6.81 -5.21
C PHE A 208 -12.02 -6.67 -5.56
N TYR A 209 -11.74 -6.77 -6.87
CA TYR A 209 -10.42 -6.57 -7.45
C TYR A 209 -10.61 -6.02 -8.86
N PRO A 210 -9.82 -5.02 -9.27
CA PRO A 210 -8.74 -4.34 -8.52
C PRO A 210 -9.29 -3.39 -7.45
N ALA A 211 -8.37 -2.73 -6.73
CA ALA A 211 -8.74 -1.96 -5.56
C ALA A 211 -9.51 -0.68 -5.90
N GLU A 212 -9.36 -0.18 -7.13
CA GLU A 212 -10.02 1.08 -7.49
C GLU A 212 -11.55 0.93 -7.45
N ILE A 213 -12.21 1.85 -6.75
CA ILE A 213 -13.66 1.79 -6.56
C ILE A 213 -14.16 3.17 -6.14
N THR A 214 -15.43 3.45 -6.43
CA THR A 214 -16.04 4.68 -5.93
C THR A 214 -17.39 4.40 -5.28
N LEU A 215 -17.55 4.91 -4.03
CA LEU A 215 -18.79 4.86 -3.27
C LEU A 215 -19.22 6.30 -2.96
N THR A 216 -20.46 6.64 -3.32
CA THR A 216 -20.98 7.97 -3.11
C THR A 216 -22.40 7.87 -2.57
N TRP A 217 -22.75 8.76 -1.64
CA TRP A 217 -24.10 8.91 -1.13
C TRP A 217 -24.83 10.03 -1.87
N GLN A 218 -26.09 9.78 -2.23
CA GLN A 218 -26.99 10.82 -2.72
C GLN A 218 -28.18 10.93 -1.77
N ARG A 219 -28.64 12.15 -1.51
CA ARG A 219 -29.91 12.38 -0.81
C ARG A 219 -30.87 13.03 -1.78
N ASP A 220 -31.99 12.36 -2.04
CA ASP A 220 -32.99 12.87 -2.99
C ASP A 220 -32.38 13.13 -4.37
N GLY A 221 -31.40 12.32 -4.75
CA GLY A 221 -30.76 12.42 -6.05
C GLY A 221 -29.58 13.38 -6.16
N GLU A 222 -29.22 14.09 -5.09
CA GLU A 222 -28.07 14.99 -5.11
C GLU A 222 -26.96 14.44 -4.25
N ASP A 223 -25.74 14.50 -4.77
CA ASP A 223 -24.56 14.06 -4.03
C ASP A 223 -24.50 14.72 -2.66
N GLN A 224 -24.14 13.94 -1.65
CA GLN A 224 -24.05 14.44 -0.29
C GLN A 224 -22.74 14.00 0.33
N THR A 225 -22.05 14.93 0.94
CA THR A 225 -20.81 14.69 1.65
C THR A 225 -20.87 15.13 3.10
N GLN A 226 -21.71 16.11 3.41
CA GLN A 226 -21.94 16.49 4.80
C GLN A 226 -22.47 15.29 5.57
N ASP A 227 -21.92 15.07 6.77
CA ASP A 227 -22.31 14.02 7.70
C ASP A 227 -22.00 12.61 7.20
N THR A 228 -21.15 12.49 6.19
CA THR A 228 -20.68 11.21 5.65
C THR A 228 -19.26 10.89 6.15
N GLU A 229 -18.87 9.63 5.94
CA GLU A 229 -17.54 9.17 6.32
C GLU A 229 -17.19 8.03 5.40
N LEU A 230 -15.97 8.08 4.87
CA LEU A 230 -15.50 7.14 3.86
C LEU A 230 -14.15 6.64 4.34
N VAL A 231 -14.00 5.32 4.48
CA VAL A 231 -12.73 4.78 4.94
C VAL A 231 -11.83 4.44 3.76
N GLU A 232 -10.54 4.45 4.04
CA GLU A 232 -9.53 4.00 3.10
C GLU A 232 -9.79 2.57 2.64
N THR A 233 -9.67 2.32 1.34
CA THR A 233 -9.77 0.96 0.81
C THR A 233 -8.72 0.07 1.48
N ARG A 234 -9.08 -1.17 1.80
CA ARG A 234 -8.28 -2.01 2.68
C ARG A 234 -8.24 -3.46 2.20
N PRO A 235 -7.13 -4.16 2.44
CA PRO A 235 -7.00 -5.56 1.99
C PRO A 235 -7.76 -6.54 2.87
N ALA A 236 -8.53 -7.42 2.25
CA ALA A 236 -9.14 -8.51 2.99
C ALA A 236 -8.13 -9.56 3.40
N GLY A 237 -6.98 -9.63 2.73
CA GLY A 237 -5.96 -10.60 3.02
C GLY A 237 -5.98 -11.80 2.11
N ASP A 238 -7.05 -11.99 1.35
CA ASP A 238 -7.13 -13.06 0.36
C ASP A 238 -6.83 -12.56 -1.05
N GLY A 239 -6.37 -11.32 -1.20
CA GLY A 239 -6.19 -10.73 -2.52
C GLY A 239 -7.31 -9.80 -2.97
N THR A 240 -8.43 -9.74 -2.26
CA THR A 240 -9.46 -8.77 -2.59
C THR A 240 -9.41 -7.56 -1.63
N PHE A 241 -10.33 -6.62 -1.85
CA PHE A 241 -10.33 -5.37 -1.10
C PHE A 241 -11.72 -5.09 -0.53
N GLN A 242 -11.77 -4.15 0.42
CA GLN A 242 -12.99 -3.77 1.10
C GLN A 242 -13.04 -2.25 1.23
N LYS A 243 -14.26 -1.73 1.24
CA LYS A 243 -14.47 -0.30 1.48
C LYS A 243 -15.91 -0.08 1.96
N TRP A 244 -16.10 0.91 2.83
CA TRP A 244 -17.45 1.31 3.15
C TRP A 244 -17.58 2.82 3.26
N ALA A 245 -18.82 3.28 3.15
CA ALA A 245 -19.20 4.67 3.26
C ALA A 245 -20.46 4.75 4.09
N ALA A 246 -20.49 5.70 5.03
CA ALA A 246 -21.58 5.78 5.98
C ALA A 246 -22.10 7.21 6.03
N VAL A 247 -23.38 7.34 6.39
CA VAL A 247 -24.03 8.64 6.49
C VAL A 247 -24.98 8.59 7.69
N VAL A 248 -25.01 9.68 8.47
CA VAL A 248 -25.94 9.83 9.58
C VAL A 248 -27.18 10.54 9.04
N VAL A 249 -28.35 9.95 9.28
CA VAL A 249 -29.60 10.47 8.69
C VAL A 249 -30.65 10.70 9.78
N PRO A 250 -31.60 11.60 9.56
CA PRO A 250 -32.72 11.72 10.52
C PRO A 250 -33.54 10.43 10.52
N SER A 251 -33.88 9.98 11.72
CA SER A 251 -34.70 8.78 11.86
C SER A 251 -35.98 8.94 11.07
N GLY A 252 -36.32 7.90 10.31
CA GLY A 252 -37.48 7.93 9.46
C GLY A 252 -37.22 8.36 8.03
N GLU A 253 -36.03 8.87 7.71
CA GLU A 253 -35.78 9.40 6.37
C GLU A 253 -34.86 8.52 5.54
N GLU A 254 -34.53 7.31 6.03
CA GLU A 254 -33.56 6.42 5.38
C GLU A 254 -33.80 6.26 3.88
N GLN A 255 -35.06 6.32 3.44
CA GLN A 255 -35.37 5.90 2.07
C GLN A 255 -35.06 6.97 1.02
N ARG A 256 -34.66 8.18 1.40
CA ARG A 256 -34.27 9.13 0.39
C ARG A 256 -32.76 9.17 0.16
N TYR A 257 -32.00 8.32 0.85
CA TYR A 257 -30.56 8.21 0.66
C TYR A 257 -30.24 6.99 -0.18
N THR A 258 -29.42 7.17 -1.20
CA THR A 258 -28.95 6.07 -2.01
C THR A 258 -27.43 6.07 -2.07
N CYS A 259 -26.88 4.87 -2.03
CA CYS A 259 -25.45 4.66 -2.20
C CYS A 259 -25.21 4.16 -3.62
N HIS A 260 -24.15 4.66 -4.24
CA HIS A 260 -23.85 4.35 -5.63
C HIS A 260 -22.45 3.75 -5.70
N VAL A 261 -22.32 2.63 -6.40
CA VAL A 261 -21.08 1.86 -6.42
C VAL A 261 -20.60 1.73 -7.86
N GLN A 262 -19.38 2.23 -8.13
CA GLN A 262 -18.75 2.09 -9.44
C GLN A 262 -17.46 1.29 -9.32
N HIS A 263 -17.33 0.28 -10.18
CA HIS A 263 -16.13 -0.55 -10.21
C HIS A 263 -15.99 -1.17 -11.61
N GLU A 264 -14.74 -1.48 -11.96
CA GLU A 264 -14.44 -1.98 -13.30
C GLU A 264 -15.21 -3.26 -13.62
N GLY A 265 -15.44 -4.11 -12.62
CA GLY A 265 -16.20 -5.32 -12.83
C GLY A 265 -17.68 -5.15 -12.82
N LEU A 266 -18.16 -3.91 -12.68
CA LEU A 266 -19.58 -3.65 -12.74
C LEU A 266 -19.92 -3.16 -14.13
N PRO A 267 -20.55 -4.00 -14.96
CA PRO A 267 -21.08 -3.50 -16.25
C PRO A 267 -21.89 -2.23 -16.07
N LYS A 268 -22.77 -2.23 -15.06
CA LYS A 268 -23.66 -1.19 -14.62
C LYS A 268 -23.31 -0.78 -13.19
N PRO A 269 -23.27 0.51 -12.88
CA PRO A 269 -23.15 0.92 -11.47
C PRO A 269 -24.32 0.43 -10.62
N LEU A 270 -24.01 -0.04 -9.42
CA LEU A 270 -25.01 -0.47 -8.47
C LEU A 270 -25.57 0.70 -7.67
N THR A 271 -26.85 0.60 -7.34
CA THR A 271 -27.52 1.52 -6.43
C THR A 271 -28.12 0.75 -5.27
N LEU A 272 -27.82 1.16 -4.05
CA LEU A 272 -28.36 0.54 -2.85
C LEU A 272 -29.22 1.54 -2.12
N ARG A 273 -30.36 1.06 -1.60
CA ARG A 273 -31.29 1.88 -0.84
C ARG A 273 -31.90 1.05 0.27
N TRP A 274 -31.89 1.59 1.48
CA TRP A 274 -32.56 0.95 2.60
C TRP A 274 -34.05 1.29 2.56
N ILE B 1 6.19 15.89 8.26
CA ILE B 1 7.30 14.94 8.16
C ILE B 1 6.96 13.70 9.00
N GLN B 2 6.06 13.85 9.98
CA GLN B 2 5.57 12.74 10.78
C GLN B 2 4.05 12.66 10.68
N ARG B 3 3.54 11.46 10.39
CA ARG B 3 2.13 11.26 10.08
C ARG B 3 1.59 10.10 10.92
N THR B 4 0.44 10.33 11.59
CA THR B 4 -0.19 9.38 12.49
C THR B 4 -0.88 8.29 11.67
N PRO B 5 -0.85 7.03 12.13
CA PRO B 5 -1.50 5.97 11.38
C PRO B 5 -3.02 6.11 11.42
N LYS B 6 -3.64 5.90 10.27
CA LYS B 6 -5.04 5.52 10.24
C LYS B 6 -5.12 4.04 10.55
N ILE B 7 -6.14 3.64 11.29
CA ILE B 7 -6.15 2.35 11.95
C ILE B 7 -7.53 1.73 11.77
N GLN B 8 -7.60 0.58 11.11
CA GLN B 8 -8.85 -0.13 10.86
C GLN B 8 -8.75 -1.56 11.38
N VAL B 9 -9.78 -2.01 12.09
CA VAL B 9 -9.80 -3.35 12.65
C VAL B 9 -11.05 -4.06 12.15
N TYR B 10 -10.86 -5.21 11.50
CA TYR B 10 -11.97 -5.84 10.81
C TYR B 10 -11.67 -7.31 10.58
N SER B 11 -12.73 -8.07 10.31
CA SER B 11 -12.60 -9.47 9.93
C SER B 11 -12.59 -9.62 8.41
N ARG B 12 -11.96 -10.68 7.92
CA ARG B 12 -11.89 -10.89 6.48
C ARG B 12 -13.29 -11.11 5.88
N HIS B 13 -14.12 -11.88 6.58
CA HIS B 13 -15.50 -12.16 6.19
C HIS B 13 -16.42 -11.66 7.30
N PRO B 14 -17.70 -11.47 7.00
CA PRO B 14 -18.64 -11.03 8.05
C PRO B 14 -18.64 -11.99 9.24
N ALA B 15 -18.55 -11.42 10.44
CA ALA B 15 -18.35 -12.23 11.64
C ALA B 15 -19.53 -13.16 11.88
N GLU B 16 -19.22 -14.41 12.25
CA GLU B 16 -20.21 -15.42 12.61
C GLU B 16 -19.65 -16.25 13.75
N ASN B 17 -20.24 -16.10 14.93
CA ASN B 17 -19.77 -16.84 16.10
C ASN B 17 -19.65 -18.32 15.80
N GLY B 18 -18.55 -18.92 16.22
CA GLY B 18 -18.32 -20.33 15.99
C GLY B 18 -17.69 -20.70 14.67
N LYS B 19 -17.60 -19.78 13.70
CA LYS B 19 -17.02 -20.07 12.38
C LYS B 19 -15.67 -19.39 12.23
N SER B 20 -14.68 -20.14 11.75
CA SER B 20 -13.33 -19.61 11.63
C SER B 20 -13.27 -18.47 10.62
N ASN B 21 -12.30 -17.58 10.82
CA ASN B 21 -12.26 -16.32 10.10
C ASN B 21 -10.85 -15.78 10.26
N PHE B 22 -10.61 -14.60 9.70
CA PHE B 22 -9.36 -13.90 9.88
C PHE B 22 -9.65 -12.54 10.50
N LEU B 23 -8.82 -12.18 11.49
CA LEU B 23 -8.93 -10.91 12.19
C LEU B 23 -7.81 -10.00 11.69
N ASN B 24 -8.18 -8.82 11.20
CA ASN B 24 -7.26 -7.93 10.51
C ASN B 24 -7.11 -6.64 11.30
N CYS B 25 -5.88 -6.14 11.34
CA CYS B 25 -5.61 -4.76 11.74
C CYS B 25 -4.79 -4.11 10.63
N TYR B 26 -5.39 -3.16 9.94
CA TYR B 26 -4.77 -2.44 8.83
C TYR B 26 -4.36 -1.06 9.32
N VAL B 27 -3.07 -0.73 9.26
CA VAL B 27 -2.57 0.60 9.60
C VAL B 27 -1.99 1.24 8.33
N SER B 28 -2.29 2.51 8.11
CA SER B 28 -1.89 3.15 6.87
C SER B 28 -1.66 4.63 7.11
N GLY B 29 -1.10 5.28 6.10
CA GLY B 29 -0.97 6.72 6.12
C GLY B 29 0.04 7.27 7.10
N PHE B 30 1.00 6.46 7.55
CA PHE B 30 1.91 6.87 8.61
C PHE B 30 3.34 7.01 8.11
N HIS B 31 4.12 7.79 8.88
CA HIS B 31 5.54 8.04 8.68
C HIS B 31 6.07 8.53 10.01
N PRO B 32 7.25 8.09 10.46
CA PRO B 32 8.13 7.07 9.84
C PRO B 32 7.59 5.65 10.00
N SER B 33 8.30 4.68 9.44
CA SER B 33 7.80 3.31 9.38
C SER B 33 8.02 2.52 10.67
N ASP B 34 8.79 3.03 11.62
CA ASP B 34 8.88 2.39 12.94
C ASP B 34 7.50 2.31 13.56
N ILE B 35 7.06 1.10 13.90
CA ILE B 35 5.73 0.94 14.47
C ILE B 35 5.61 -0.42 15.12
N GLU B 36 4.78 -0.52 16.16
CA GLU B 36 4.41 -1.77 16.80
C GLU B 36 2.91 -1.97 16.66
N VAL B 37 2.49 -3.12 16.15
CA VAL B 37 1.08 -3.42 15.98
C VAL B 37 0.80 -4.80 16.55
N ASP B 38 -0.03 -4.86 17.59
CA ASP B 38 -0.37 -6.10 18.29
C ASP B 38 -1.88 -6.29 18.31
N LEU B 39 -2.30 -7.55 18.26
CA LEU B 39 -3.69 -7.91 18.47
C LEU B 39 -3.90 -8.44 19.89
N LEU B 40 -4.99 -7.99 20.51
CA LEU B 40 -5.32 -8.34 21.88
C LEU B 40 -6.61 -9.15 21.90
N LYS B 41 -6.61 -10.21 22.70
CA LYS B 41 -7.80 -11.00 22.98
C LYS B 41 -8.10 -10.87 24.47
N ASN B 42 -9.20 -10.18 24.79
CA ASN B 42 -9.55 -9.84 26.17
C ASN B 42 -8.36 -9.23 26.91
N GLY B 43 -7.64 -8.32 26.23
CA GLY B 43 -6.53 -7.61 26.83
C GLY B 43 -5.17 -8.29 26.76
N GLU B 44 -5.10 -9.57 26.41
CA GLU B 44 -3.84 -10.30 26.27
C GLU B 44 -3.36 -10.29 24.82
N ARG B 45 -2.06 -10.09 24.63
CA ARG B 45 -1.52 -10.04 23.28
C ARG B 45 -1.51 -11.44 22.66
N ILE B 46 -2.02 -11.56 21.42
CA ILE B 46 -1.99 -12.84 20.70
C ILE B 46 -0.58 -13.07 20.16
N GLU B 47 -0.13 -14.31 20.27
CA GLU B 47 1.29 -14.60 20.06
C GLU B 47 1.64 -14.76 18.58
N LYS B 48 0.80 -15.44 17.80
CA LYS B 48 1.13 -15.70 16.41
C LYS B 48 0.29 -14.77 15.54
N VAL B 49 0.85 -13.59 15.25
CA VAL B 49 0.23 -12.61 14.37
C VAL B 49 1.18 -12.36 13.21
N GLU B 50 0.65 -12.39 12.00
CA GLU B 50 1.47 -12.15 10.81
C GLU B 50 1.28 -10.73 10.30
N HIS B 51 2.16 -10.34 9.37
CA HIS B 51 1.99 -9.04 8.77
C HIS B 51 2.58 -9.04 7.36
N SER B 52 2.03 -8.14 6.55
CA SER B 52 2.48 -7.99 5.18
C SER B 52 3.84 -7.28 5.14
N ASP B 53 4.44 -7.25 3.96
CA ASP B 53 5.73 -6.59 3.76
C ASP B 53 5.57 -5.08 3.64
N LEU B 54 6.52 -4.34 4.23
CA LEU B 54 6.44 -2.88 4.25
C LEU B 54 6.31 -2.32 2.83
N SER B 55 5.23 -1.60 2.59
CA SER B 55 4.95 -0.96 1.31
C SER B 55 4.48 0.45 1.61
N PHE B 56 4.25 1.27 0.57
CA PHE B 56 3.80 2.64 0.80
C PHE B 56 3.00 3.16 -0.38
N SER B 57 2.24 4.24 -0.12
CA SER B 57 1.29 4.82 -1.05
C SER B 57 1.95 5.91 -1.89
N LYS B 58 1.16 6.47 -2.81
CA LYS B 58 1.65 7.48 -3.74
C LYS B 58 2.19 8.69 -2.99
N ASP B 59 1.70 8.97 -1.77
CA ASP B 59 2.19 10.08 -0.98
C ASP B 59 3.38 9.71 -0.09
N TRP B 60 3.95 8.50 -0.26
CA TRP B 60 5.07 7.96 0.51
C TRP B 60 4.71 7.54 1.94
N SER B 61 3.43 7.57 2.31
CA SER B 61 3.06 7.10 3.64
C SER B 61 2.94 5.58 3.63
N PHE B 62 3.32 4.96 4.75
CA PHE B 62 3.43 3.51 4.82
C PHE B 62 2.07 2.87 5.13
N TYR B 63 1.94 1.59 4.79
CA TYR B 63 0.79 0.81 5.21
C TYR B 63 1.22 -0.64 5.45
N LEU B 64 0.60 -1.26 6.46
CA LEU B 64 0.87 -2.63 6.83
C LEU B 64 -0.44 -3.30 7.20
N LEU B 65 -0.52 -4.60 6.94
CA LEU B 65 -1.65 -5.42 7.37
C LEU B 65 -1.14 -6.44 8.37
N TYR B 66 -1.70 -6.42 9.58
CA TYR B 66 -1.47 -7.46 10.58
C TYR B 66 -2.73 -8.32 10.68
N TYR B 67 -2.55 -9.62 10.87
CA TYR B 67 -3.73 -10.48 10.79
C TYR B 67 -3.46 -11.78 11.51
N THR B 68 -4.55 -12.45 11.89
CA THR B 68 -4.45 -13.76 12.52
C THR B 68 -5.73 -14.54 12.25
N GLU B 69 -5.58 -15.84 12.03
CA GLU B 69 -6.72 -16.74 11.99
C GLU B 69 -7.39 -16.74 13.36
N PHE B 70 -8.72 -16.73 13.39
CA PHE B 70 -9.41 -16.81 14.66
C PHE B 70 -10.84 -17.27 14.43
N THR B 71 -11.51 -17.55 15.54
CA THR B 71 -12.90 -18.00 15.54
C THR B 71 -13.66 -17.16 16.55
N PRO B 72 -14.40 -16.16 16.10
CA PRO B 72 -15.12 -15.29 17.03
C PRO B 72 -16.17 -16.05 17.81
N THR B 73 -16.41 -15.60 19.04
CA THR B 73 -17.43 -16.11 19.93
C THR B 73 -18.24 -14.94 20.49
N GLU B 74 -19.34 -15.26 21.19
CA GLU B 74 -20.17 -14.19 21.73
C GLU B 74 -19.45 -13.42 22.81
N LYS B 75 -18.50 -14.04 23.53
CA LYS B 75 -17.97 -13.42 24.72
C LYS B 75 -16.55 -12.85 24.58
N ASP B 76 -15.85 -13.12 23.47
CA ASP B 76 -14.46 -12.70 23.35
C ASP B 76 -14.36 -11.32 22.68
N GLU B 77 -13.56 -10.43 23.26
CA GLU B 77 -13.35 -9.07 22.73
C GLU B 77 -11.97 -8.93 22.12
N TYR B 78 -11.90 -8.40 20.91
CA TYR B 78 -10.62 -8.23 20.22
C TYR B 78 -10.28 -6.76 20.06
N ALA B 79 -8.99 -6.45 20.08
CA ALA B 79 -8.54 -5.09 19.85
C ALA B 79 -7.16 -5.10 19.19
N CYS B 80 -6.82 -3.98 18.58
CA CYS B 80 -5.52 -3.78 17.96
C CYS B 80 -4.83 -2.63 18.67
N ARG B 81 -3.64 -2.89 19.20
CA ARG B 81 -2.87 -1.88 19.90
C ARG B 81 -1.75 -1.40 18.97
N VAL B 82 -1.77 -0.11 18.66
CA VAL B 82 -0.85 0.50 17.72
C VAL B 82 0.06 1.45 18.49
N ASN B 83 1.37 1.26 18.34
CA ASN B 83 2.38 2.04 19.05
C ASN B 83 3.25 2.74 18.00
N HIS B 84 3.30 4.06 18.07
CA HIS B 84 3.93 4.89 17.05
C HIS B 84 4.38 6.20 17.71
N VAL B 85 5.42 6.81 17.13
CA VAL B 85 6.06 7.99 17.72
C VAL B 85 5.13 9.21 17.74
N THR B 86 4.12 9.26 16.87
CA THR B 86 3.13 10.34 16.87
C THR B 86 2.02 10.13 17.89
N LEU B 87 2.03 9.04 18.64
CA LEU B 87 0.96 8.76 19.60
C LEU B 87 1.57 8.83 20.99
N SER B 88 1.11 9.78 21.80
CA SER B 88 1.68 9.92 23.14
C SER B 88 1.42 8.68 24.00
N GLN B 89 0.33 7.97 23.75
CA GLN B 89 0.06 6.64 24.28
C GLN B 89 -0.43 5.75 23.17
N PRO B 90 -0.08 4.45 23.20
CA PRO B 90 -0.54 3.54 22.14
C PRO B 90 -2.04 3.62 21.95
N LYS B 91 -2.47 3.65 20.69
CA LYS B 91 -3.90 3.65 20.43
C LYS B 91 -4.40 2.22 20.52
N ILE B 92 -5.51 2.01 21.22
CA ILE B 92 -6.11 0.69 21.36
C ILE B 92 -7.50 0.76 20.77
N VAL B 93 -7.71 0.03 19.68
CA VAL B 93 -8.89 0.14 18.83
C VAL B 93 -9.63 -1.20 18.90
N LYS B 94 -10.80 -1.20 19.51
CA LYS B 94 -11.55 -2.44 19.68
C LYS B 94 -12.26 -2.83 18.39
N TRP B 95 -12.46 -4.13 18.23
CA TRP B 95 -13.08 -4.67 17.02
C TRP B 95 -14.59 -4.46 17.04
N ASP B 96 -15.11 -3.78 16.02
CA ASP B 96 -16.53 -3.60 15.79
C ASP B 96 -16.92 -4.44 14.57
N ARG B 97 -17.87 -5.37 14.75
CA ARG B 97 -18.23 -6.32 13.71
C ARG B 97 -18.86 -5.68 12.46
N ASP B 98 -19.01 -4.35 12.44
CA ASP B 98 -19.48 -3.62 11.27
C ASP B 98 -18.63 -2.37 11.02
N MET B 99 -17.42 -2.33 11.59
CA MET B 99 -16.56 -1.13 11.74
C MET B 99 -17.25 0.20 12.13
N ASN C 1 10.93 -7.67 -13.40
CA ASN C 1 12.38 -7.53 -13.33
C ASN C 1 12.78 -6.19 -12.70
N TYR C 2 13.68 -6.29 -11.72
CA TYR C 2 14.26 -5.11 -11.11
C TYR C 2 15.19 -4.38 -12.11
N ASP C 3 15.58 -3.18 -11.74
CA ASP C 3 16.53 -2.36 -12.48
C ASP C 3 17.89 -2.45 -11.79
N TYR C 4 18.96 -2.45 -12.58
CA TYR C 4 20.30 -2.30 -12.03
C TYR C 4 20.51 -0.82 -11.72
N TRP C 5 20.61 -0.46 -10.44
CA TRP C 5 20.61 0.95 -10.04
C TRP C 5 21.82 1.26 -9.15
N TYR C 6 22.72 2.13 -9.66
CA TYR C 6 23.98 2.45 -8.99
C TYR C 6 24.26 3.95 -8.84
N ARG C 7 23.32 4.84 -9.17
CA ARG C 7 23.61 6.27 -9.17
C ARG C 7 23.64 6.84 -7.76
N SER C 8 24.56 7.78 -7.53
CA SER C 8 24.74 8.45 -6.26
C SER C 8 24.19 9.86 -6.33
N PHE C 9 23.57 10.30 -5.23
CA PHE C 9 23.10 11.67 -5.08
C PHE C 9 24.26 12.66 -5.18
#